data_6SBA
#
_entry.id   6SBA
#
_cell.length_a   56.500
_cell.length_b   65.110
_cell.length_c   74.910
_cell.angle_alpha   90.000
_cell.angle_beta   90.000
_cell.angle_gamma   90.000
#
_symmetry.space_group_name_H-M   'P 21 21 21'
#
loop_
_entity.id
_entity.type
_entity.pdbx_description
1 polymer 'Transcriptional enhancer factor TEF-3'
2 polymer 'Vestigial like 4 (Drosophila), isoform CRA_a'
3 non-polymer GLYCEROL
4 non-polymer 'ACETYL GROUP'
5 water water
#
loop_
_entity_poly.entity_id
_entity_poly.type
_entity_poly.pdbx_seq_one_letter_code
_entity_poly.pdbx_strand_id
1 'polypeptide(L)'
;GPGRSIASSKLWMLEFSAFLERQQDPDTYNKHLFVHISQSSPSYSDPYLETVDIRQIYDKFPEKKGGLKELFERGPSNAF
FLVKFWADLNTNIDDEGSAFYGVSSQYESPENMIITCSTKVCSFGKQVVEKVETEYARYENGHYLYRIHRSPL(P1L)EY
MINFIHKLKHLPEKYMMNSVLENFTILQVVTNRDTQETLLCIAYVFEVSASEHGAQHHIYRLVKE
;
A
2 'polypeptide(L)' SVEDHFAKALGDTWLQIKAA B
#
# COMPACT_ATOMS: atom_id res chain seq x y z
N ARG A 4 -4.87 -7.29 15.69
CA ARG A 4 -4.09 -7.17 14.46
C ARG A 4 -4.96 -6.71 13.28
N SER A 5 -6.15 -6.19 13.55
CA SER A 5 -7.09 -5.82 12.49
C SER A 5 -6.85 -4.37 12.18
N ILE A 6 -6.91 -4.08 10.91
CA ILE A 6 -6.91 -2.75 10.43
C ILE A 6 -8.40 -2.36 10.42
N ALA A 7 -8.82 -1.80 11.53
CA ALA A 7 -10.21 -1.50 11.78
C ALA A 7 -10.38 -0.34 12.70
N SER A 8 -11.21 0.59 12.25
CA SER A 8 -11.68 1.68 13.05
C SER A 8 -13.01 1.25 13.72
N SER A 9 -13.75 2.17 14.26
CA SER A 9 -15.12 1.85 14.77
C SER A 9 -16.09 1.60 13.65
N LYS A 10 -15.77 2.06 12.44
CA LYS A 10 -16.75 2.05 11.35
C LYS A 10 -16.35 1.21 10.20
N LEU A 11 -15.08 0.80 10.08
CA LEU A 11 -14.66 0.09 8.86
C LEU A 11 -13.52 -0.79 9.16
N TRP A 12 -13.53 -2.00 8.64
CA TRP A 12 -12.45 -2.98 8.78
C TRP A 12 -11.96 -3.44 7.40
N MET A 13 -10.65 -3.29 7.11
CA MET A 13 -10.11 -3.78 5.88
C MET A 13 -9.70 -5.21 6.13
N LEU A 14 -10.50 -6.15 5.61
CA LEU A 14 -10.31 -7.58 5.78
CA LEU A 14 -10.26 -7.56 5.85
C LEU A 14 -9.28 -8.20 4.90
N GLU A 15 -9.19 -7.63 3.71
CA GLU A 15 -8.31 -8.17 2.70
C GLU A 15 -7.70 -7.09 1.89
N PHE A 16 -6.41 -7.28 1.53
CA PHE A 16 -5.72 -6.37 0.64
C PHE A 16 -4.65 -7.18 -0.08
N SER A 17 -4.63 -7.14 -1.38
CA SER A 17 -3.57 -7.83 -2.12
C SER A 17 -3.19 -7.03 -3.37
N ALA A 18 -1.92 -7.08 -3.70
CA ALA A 18 -1.45 -6.58 -4.99
C ALA A 18 -0.73 -7.69 -5.64
N PHE A 19 -0.95 -7.87 -6.95
CA PHE A 19 -0.53 -9.09 -7.60
C PHE A 19 -0.30 -8.86 -9.09
N LEU A 20 0.32 -9.85 -9.69
CA LEU A 20 0.35 -9.91 -11.12
C LEU A 20 -0.01 -11.30 -11.56
N GLU A 21 -0.52 -11.37 -12.78
CA GLU A 21 -0.84 -12.63 -13.38
C GLU A 21 -0.73 -12.55 -14.91
N ARG A 22 -0.68 -13.71 -15.58
CA ARG A 22 -0.80 -13.67 -17.03
C ARG A 22 -2.17 -13.21 -17.43
N GLN A 23 -2.28 -12.39 -18.47
CA GLN A 23 -3.61 -11.95 -18.95
C GLN A 23 -4.43 -13.14 -19.24
N GLN A 24 -5.48 -13.34 -18.42
CA GLN A 24 -6.32 -14.57 -18.32
C GLN A 24 -5.67 -15.90 -18.78
N ASP A 25 -4.48 -16.17 -18.27
CA ASP A 25 -3.91 -17.49 -18.41
C ASP A 25 -4.34 -18.39 -17.24
N PRO A 26 -4.61 -17.82 -16.03
CA PRO A 26 -5.13 -18.68 -14.94
C PRO A 26 -6.52 -19.26 -15.23
N TYR A 29 -6.21 -18.83 -11.16
CA TYR A 29 -5.37 -19.36 -10.07
C TYR A 29 -3.88 -18.89 -10.12
N ASN A 30 -3.29 -18.77 -11.31
CA ASN A 30 -1.82 -18.66 -11.45
C ASN A 30 -1.15 -17.26 -11.19
N LYS A 31 -1.59 -16.61 -10.13
CA LYS A 31 -1.10 -15.33 -9.87
C LYS A 31 0.04 -15.35 -8.90
N HIS A 32 0.75 -14.25 -8.83
CA HIS A 32 1.82 -14.03 -7.87
C HIS A 32 1.44 -12.79 -7.04
N LEU A 33 1.44 -12.95 -5.71
CA LEU A 33 1.15 -11.83 -4.81
C LEU A 33 2.42 -11.10 -4.45
N PHE A 34 2.45 -9.80 -4.70
CA PHE A 34 3.54 -8.95 -4.20
C PHE A 34 3.41 -8.74 -2.69
N VAL A 35 2.20 -8.36 -2.26
CA VAL A 35 1.90 -8.09 -0.85
C VAL A 35 0.47 -8.60 -0.62
N HIS A 36 0.19 -8.98 0.61
CA HIS A 36 -1.07 -9.63 0.94
C HIS A 36 -1.37 -9.50 2.42
N ILE A 37 -2.51 -8.95 2.72
CA ILE A 37 -3.13 -8.99 4.05
C ILE A 37 -4.48 -9.75 3.89
N SER A 38 -4.71 -10.79 4.66
CA SER A 38 -6.01 -11.51 4.43
C SER A 38 -6.44 -12.18 5.63
N GLN A 39 -7.74 -12.41 5.74
CA GLN A 39 -8.28 -13.26 6.82
C GLN A 39 -7.82 -14.67 6.62
N SER A 40 -7.50 -15.04 5.36
CA SER A 40 -7.06 -16.39 5.02
C SER A 40 -5.66 -16.64 5.41
N SER A 41 -4.88 -15.59 5.67
CA SER A 41 -3.43 -15.71 5.85
C SER A 41 -3.02 -15.13 7.21
N PRO A 42 -2.56 -15.99 8.14
CA PRO A 42 -2.22 -15.45 9.46
C PRO A 42 -0.90 -14.65 9.46
N SER A 43 -0.69 -13.82 10.48
CA SER A 43 0.46 -12.94 10.54
C SER A 43 0.83 -12.67 12.00
N TYR A 44 2.11 -12.35 12.22
CA TYR A 44 2.66 -12.11 13.57
C TYR A 44 3.72 -10.96 13.57
N LEU A 49 5.40 -4.32 20.27
CA LEU A 49 5.30 -2.95 19.72
C LEU A 49 4.00 -2.79 18.95
N GLU A 50 3.00 -2.12 19.52
CA GLU A 50 1.74 -2.09 18.86
C GLU A 50 1.63 -0.74 18.19
N THR A 51 2.35 0.32 18.62
CA THR A 51 2.18 1.63 18.00
C THR A 51 3.49 2.13 17.42
N VAL A 52 3.35 3.03 16.44
CA VAL A 52 4.44 3.77 15.85
CA VAL A 52 4.44 3.78 15.84
C VAL A 52 4.01 5.22 15.81
N ASP A 53 4.92 6.11 16.20
CA ASP A 53 4.63 7.51 16.22
C ASP A 53 4.88 8.08 14.84
N ILE A 54 4.01 9.00 14.43
CA ILE A 54 4.15 9.69 13.12
CA ILE A 54 4.17 9.65 13.14
C ILE A 54 5.57 10.29 12.98
N ARG A 55 6.21 10.64 14.09
N ARG A 55 6.21 10.72 14.07
CA ARG A 55 7.54 11.23 14.08
CA ARG A 55 7.55 11.28 13.97
C ARG A 55 8.54 10.33 13.34
C ARG A 55 8.54 10.35 13.30
N GLN A 56 8.30 9.03 13.34
CA GLN A 56 9.17 8.08 12.67
C GLN A 56 9.06 8.05 11.16
N ILE A 57 7.91 8.51 10.63
CA ILE A 57 7.58 8.44 9.21
C ILE A 57 7.21 9.80 8.63
N TYR A 58 7.45 10.85 9.40
CA TYR A 58 6.96 12.16 9.04
C TYR A 58 7.33 12.58 7.62
N ASP A 59 8.61 12.46 7.26
CA ASP A 59 9.03 12.93 5.96
C ASP A 59 8.72 12.03 4.79
N LYS A 60 8.13 10.88 5.09
CA LYS A 60 7.84 9.91 4.04
C LYS A 60 6.44 10.03 3.47
N PHE A 61 5.70 11.00 3.98
CA PHE A 61 4.30 11.23 3.53
C PHE A 61 4.07 12.71 3.42
N PRO A 62 3.06 13.08 2.67
CA PRO A 62 2.80 14.50 2.57
C PRO A 62 2.41 15.11 3.89
N GLU A 63 2.90 16.32 4.17
CA GLU A 63 2.59 16.96 5.46
C GLU A 63 2.10 18.39 5.40
N LYS A 64 1.50 18.77 4.30
CA LYS A 64 0.99 20.12 4.22
C LYS A 64 -0.51 20.10 4.58
N LYS A 65 -1.23 21.02 4.01
CA LYS A 65 -2.67 21.00 4.17
C LYS A 65 -3.15 19.64 3.64
N GLY A 66 -3.96 18.96 4.43
CA GLY A 66 -4.48 17.69 4.01
C GLY A 66 -3.54 16.53 4.14
N GLY A 67 -2.34 16.82 4.67
CA GLY A 67 -1.34 15.81 4.92
C GLY A 67 -1.58 14.89 6.07
N LEU A 68 -0.64 13.99 6.28
CA LEU A 68 -0.83 12.92 7.27
C LEU A 68 -1.03 13.50 8.68
N LYS A 69 -0.20 14.43 9.12
CA LYS A 69 -0.35 14.97 10.45
C LYS A 69 -1.72 15.69 10.64
N GLU A 70 -2.12 16.46 9.65
CA GLU A 70 -3.41 17.14 9.71
C GLU A 70 -4.57 16.14 9.73
N LEU A 71 -4.46 15.12 8.88
CA LEU A 71 -5.49 14.10 8.90
C LEU A 71 -5.60 13.44 10.25
N PHE A 72 -4.45 13.08 10.83
CA PHE A 72 -4.43 12.48 12.12
C PHE A 72 -5.06 13.35 13.20
N GLU A 73 -4.74 14.64 13.19
CA GLU A 73 -5.28 15.55 14.18
C GLU A 73 -6.81 15.71 13.98
N ARG A 74 -7.34 15.64 12.75
CA ARG A 74 -8.80 15.63 12.57
C ARG A 74 -9.43 14.36 13.14
N GLY A 75 -8.72 13.26 13.05
CA GLY A 75 -9.16 12.02 13.68
C GLY A 75 -10.26 11.34 12.88
N PRO A 76 -10.89 10.30 13.46
CA PRO A 76 -10.61 9.76 14.80
C PRO A 76 -9.30 8.98 14.90
N SER A 77 -8.69 9.00 16.06
CA SER A 77 -7.35 8.42 16.25
CA SER A 77 -7.37 8.41 16.25
C SER A 77 -7.34 6.94 16.00
N ASN A 78 -8.46 6.25 16.22
CA ASN A 78 -8.53 4.84 16.03
C ASN A 78 -8.64 4.39 14.57
N ALA A 79 -8.56 5.33 13.64
CA ALA A 79 -8.64 4.99 12.23
C ALA A 79 -7.29 4.88 11.53
N PHE A 80 -6.19 5.15 12.23
CA PHE A 80 -4.91 5.35 11.62
C PHE A 80 -3.93 4.22 11.92
N PHE A 81 -3.35 3.67 10.85
CA PHE A 81 -2.47 2.51 10.91
C PHE A 81 -1.25 2.70 10.07
N LEU A 82 -0.20 2.01 10.42
CA LEU A 82 1.01 1.86 9.61
C LEU A 82 1.18 0.40 9.29
N VAL A 83 1.35 0.07 8.02
CA VAL A 83 1.63 -1.28 7.58
C VAL A 83 3.05 -1.26 6.99
N LYS A 84 3.90 -2.14 7.47
CA LYS A 84 5.17 -2.43 6.83
C LYS A 84 5.08 -3.71 6.04
N PHE A 85 5.34 -3.62 4.75
CA PHE A 85 5.34 -4.73 3.85
C PHE A 85 6.76 -5.14 3.47
N TRP A 86 7.00 -6.45 3.36
CA TRP A 86 8.13 -7.05 2.68
C TRP A 86 7.54 -7.60 1.44
N ALA A 87 7.84 -7.01 0.29
CA ALA A 87 7.23 -7.39 -0.97
C ALA A 87 7.95 -8.52 -1.59
N ASP A 88 7.18 -9.45 -2.11
CA ASP A 88 7.72 -10.63 -2.83
C ASP A 88 7.88 -10.33 -4.32
N LEU A 89 9.10 -10.15 -4.77
CA LEU A 89 9.33 -9.86 -6.17
C LEU A 89 9.88 -11.08 -6.83
N ASN A 90 9.64 -12.28 -6.31
CA ASN A 90 10.23 -13.51 -6.83
CA ASN A 90 10.22 -13.50 -6.88
C ASN A 90 9.30 -14.09 -7.89
N THR A 91 9.28 -13.46 -9.08
CA THR A 91 8.42 -13.87 -10.19
C THR A 91 9.16 -13.46 -11.47
N ASN A 92 8.86 -14.16 -12.55
CA ASN A 92 9.26 -13.76 -13.88
C ASN A 92 8.10 -13.37 -14.79
N ILE A 93 6.89 -13.27 -14.29
CA ILE A 93 5.74 -12.92 -15.17
C ILE A 93 5.92 -11.55 -15.76
N ASP A 94 6.51 -10.61 -15.02
CA ASP A 94 6.60 -9.27 -15.53
C ASP A 94 7.57 -9.22 -16.77
N ASP A 95 8.48 -10.19 -16.90
CA ASP A 95 9.45 -10.20 -18.00
C ASP A 95 8.87 -10.87 -19.24
N GLU A 96 7.75 -11.57 -19.08
CA GLU A 96 7.16 -12.29 -20.24
C GLU A 96 6.24 -11.36 -21.04
N GLY A 97 5.80 -10.31 -20.37
CA GLY A 97 4.78 -9.43 -20.95
C GLY A 97 3.41 -10.05 -20.87
N SER A 98 2.45 -9.29 -21.37
CA SER A 98 1.07 -9.68 -21.40
C SER A 98 0.63 -10.05 -20.00
N ALA A 99 1.10 -9.32 -19.04
CA ALA A 99 0.66 -9.50 -17.65
C ALA A 99 -0.37 -8.52 -17.24
N PHE A 100 -1.24 -8.91 -16.29
CA PHE A 100 -2.19 -8.00 -15.66
C PHE A 100 -1.69 -7.75 -14.22
N TYR A 101 -1.62 -6.51 -13.85
CA TYR A 101 -1.21 -6.05 -12.51
C TYR A 101 -2.37 -5.41 -11.80
N GLY A 102 -2.71 -5.88 -10.60
CA GLY A 102 -3.84 -5.38 -9.93
C GLY A 102 -3.76 -5.32 -8.44
N VAL A 103 -4.77 -4.69 -7.88
CA VAL A 103 -4.94 -4.60 -6.42
CA VAL A 103 -4.96 -4.58 -6.43
C VAL A 103 -6.39 -4.88 -6.11
N SER A 104 -6.60 -5.72 -5.10
CA SER A 104 -7.93 -6.05 -4.68
C SER A 104 -8.04 -5.83 -3.19
N SER A 105 -9.12 -5.28 -2.71
CA SER A 105 -9.33 -5.09 -1.30
C SER A 105 -10.80 -5.36 -0.95
N GLN A 106 -11.04 -5.65 0.32
CA GLN A 106 -12.39 -5.87 0.82
CA GLN A 106 -12.38 -5.85 0.83
C GLN A 106 -12.48 -5.26 2.19
N TYR A 107 -13.62 -4.73 2.51
CA TYR A 107 -13.88 -4.10 3.77
C TYR A 107 -15.22 -4.49 4.27
N GLU A 108 -15.39 -4.36 5.57
CA GLU A 108 -16.70 -4.60 6.21
C GLU A 108 -17.06 -3.51 7.16
N SER A 109 -18.33 -3.23 7.31
N SER A 109 -18.35 -3.21 7.28
CA SER A 109 -18.79 -2.25 8.30
CA SER A 109 -18.84 -2.21 8.21
C SER A 109 -20.11 -2.73 8.86
C SER A 109 -20.16 -2.65 8.81
N PRO A 110 -20.44 -2.26 10.05
CA PRO A 110 -21.83 -2.49 10.54
C PRO A 110 -22.83 -1.56 9.89
N GLU A 111 -22.33 -0.53 9.21
CA GLU A 111 -23.15 0.53 8.66
C GLU A 111 -23.17 0.51 7.12
N ASN A 112 -24.25 0.94 6.56
CA ASN A 112 -24.42 1.12 5.12
C ASN A 112 -23.92 2.53 4.74
N MET A 113 -22.83 2.59 3.98
CA MET A 113 -22.17 3.83 3.59
C MET A 113 -21.79 3.81 2.14
N ILE A 114 -21.46 4.96 1.60
CA ILE A 114 -20.76 5.04 0.33
C ILE A 114 -19.34 5.52 0.75
N ILE A 115 -18.33 4.80 0.33
CA ILE A 115 -16.98 5.12 0.73
C ILE A 115 -16.16 5.48 -0.49
N THR A 116 -15.14 6.25 -0.22
CA THR A 116 -14.17 6.62 -1.27
CA THR A 116 -14.17 6.63 -1.26
C THR A 116 -12.78 6.29 -0.73
N CYS A 117 -12.03 5.58 -1.53
CA CYS A 117 -10.67 5.24 -1.17
C CYS A 117 -9.74 6.07 -2.08
N SER A 118 -8.96 6.92 -1.44
CA SER A 118 -7.87 7.62 -2.14
C SER A 118 -6.56 6.93 -1.89
N THR A 119 -5.82 6.61 -2.90
CA THR A 119 -4.51 6.01 -2.75
C THR A 119 -3.51 6.94 -3.39
N LYS A 120 -2.57 7.42 -2.61
CA LYS A 120 -1.51 8.32 -3.07
C LYS A 120 -0.18 7.63 -3.03
N VAL A 121 0.48 7.58 -4.17
CA VAL A 121 1.81 7.05 -4.24
C VAL A 121 2.74 8.22 -4.01
N CYS A 122 3.68 8.05 -3.09
CA CYS A 122 4.59 9.12 -2.67
C CYS A 122 6.04 8.72 -2.88
N SER A 123 6.78 9.65 -3.47
CA SER A 123 8.25 9.52 -3.70
C SER A 123 8.89 10.62 -2.90
N PHE A 124 9.73 10.21 -1.91
CA PHE A 124 10.39 11.17 -1.04
C PHE A 124 9.39 12.12 -0.41
N GLY A 125 8.25 11.57 -0.01
CA GLY A 125 7.22 12.24 0.71
C GLY A 125 6.30 13.11 -0.15
N LYS A 126 6.48 13.08 -1.46
CA LYS A 126 5.67 13.90 -2.32
C LYS A 126 4.76 13.02 -3.20
N GLN A 127 3.50 13.39 -3.27
CA GLN A 127 2.60 12.64 -4.12
C GLN A 127 3.01 12.69 -5.58
N VAL A 128 3.07 11.54 -6.20
CA VAL A 128 3.37 11.42 -7.65
C VAL A 128 2.19 10.94 -8.47
N VAL A 129 1.31 10.14 -7.87
CA VAL A 129 0.09 9.76 -8.54
C VAL A 129 -0.95 9.51 -7.46
N GLU A 130 -2.21 9.66 -7.81
CA GLU A 130 -3.33 9.35 -6.95
C GLU A 130 -4.39 8.63 -7.73
N LYS A 131 -4.98 7.64 -7.07
CA LYS A 131 -6.13 6.92 -7.57
C LYS A 131 -7.26 7.16 -6.59
N VAL A 132 -8.45 7.39 -7.09
CA VAL A 132 -9.68 7.56 -6.27
C VAL A 132 -10.72 6.58 -6.74
N GLU A 133 -11.24 5.78 -5.79
CA GLU A 133 -12.25 4.76 -6.12
C GLU A 133 -13.39 4.93 -5.13
N THR A 134 -14.62 4.80 -5.62
CA THR A 134 -15.83 4.84 -4.81
C THR A 134 -16.50 3.52 -4.80
N GLU A 135 -16.90 3.09 -3.61
CA GLU A 135 -17.59 1.83 -3.49
C GLU A 135 -18.81 1.95 -2.62
N TYR A 136 -19.70 1.00 -2.86
CA TYR A 136 -21.04 0.98 -2.33
C TYR A 136 -21.25 -0.27 -1.47
N ALA A 137 -22.00 -0.10 -0.40
CA ALA A 137 -22.21 -1.20 0.52
C ALA A 137 -23.04 -2.31 -0.13
N ARG A 138 -22.71 -3.58 0.22
CA ARG A 138 -23.49 -4.71 -0.21
C ARG A 138 -23.82 -5.55 1.00
N TYR A 139 -25.07 -5.66 1.34
CA TYR A 139 -25.44 -6.36 2.55
C TYR A 139 -25.26 -7.82 2.32
N GLU A 140 -24.61 -8.47 3.26
CA GLU A 140 -24.38 -9.95 3.14
C GLU A 140 -24.29 -10.51 4.55
N ASN A 141 -25.15 -11.48 4.85
CA ASN A 141 -25.08 -12.24 6.10
C ASN A 141 -24.96 -11.33 7.28
N GLY A 142 -25.84 -10.35 7.30
CA GLY A 142 -25.95 -9.45 8.41
C GLY A 142 -24.98 -8.27 8.58
N HIS A 143 -24.10 -8.01 7.61
CA HIS A 143 -23.18 -6.82 7.73
C HIS A 143 -23.04 -6.32 6.31
N TYR A 144 -22.28 -5.29 6.20
CA TYR A 144 -22.08 -4.62 4.90
C TYR A 144 -20.68 -4.86 4.40
N LEU A 145 -20.57 -5.34 3.17
CA LEU A 145 -19.28 -5.60 2.50
C LEU A 145 -19.04 -4.57 1.42
N TYR A 146 -17.74 -4.26 1.27
CA TYR A 146 -17.30 -3.31 0.25
C TYR A 146 -16.14 -3.99 -0.45
N ARG A 147 -16.07 -3.95 -1.77
CA ARG A 147 -14.99 -4.59 -2.48
C ARG A 147 -14.52 -3.64 -3.57
N ILE A 148 -13.21 -3.57 -3.66
CA ILE A 148 -12.52 -2.93 -4.80
C ILE A 148 -11.79 -4.08 -5.43
N HIS A 149 -12.24 -4.57 -6.56
CA HIS A 149 -11.77 -5.80 -7.11
C HIS A 149 -10.96 -5.61 -8.38
N ARG A 150 -9.73 -6.12 -8.35
CA ARG A 150 -8.85 -6.03 -9.53
C ARG A 150 -8.68 -4.63 -10.08
N SER A 151 -8.46 -3.67 -9.25
CA SER A 151 -8.18 -2.32 -9.72
C SER A 151 -6.78 -2.40 -10.40
N PRO A 152 -6.62 -2.00 -11.65
CA PRO A 152 -5.27 -2.11 -12.25
C PRO A 152 -4.26 -1.22 -11.52
N LEU A 153 -3.07 -1.75 -11.34
CA LEU A 153 -2.00 -0.88 -10.77
C LEU A 153 -1.69 0.22 -11.76
N GLU A 155 0.41 2.83 -14.03
CA GLU A 155 1.64 2.64 -14.83
C GLU A 155 2.91 3.00 -14.06
N TYR A 156 2.86 4.03 -13.23
CA TYR A 156 4.02 4.35 -12.42
C TYR A 156 4.47 3.20 -11.61
N MET A 157 3.50 2.54 -10.96
CA MET A 157 3.89 1.40 -10.15
CA MET A 157 3.90 1.40 -10.15
C MET A 157 4.34 0.19 -10.91
N ILE A 158 3.75 -0.06 -12.10
CA ILE A 158 4.23 -1.15 -12.93
C ILE A 158 5.64 -0.94 -13.39
N ASN A 159 5.91 0.28 -13.81
CA ASN A 159 7.29 0.57 -14.24
C ASN A 159 8.27 0.52 -13.08
N PHE A 160 7.84 0.97 -11.93
CA PHE A 160 8.68 0.94 -10.73
C PHE A 160 9.06 -0.50 -10.40
N ILE A 161 8.07 -1.39 -10.42
CA ILE A 161 8.32 -2.79 -10.11
C ILE A 161 9.30 -3.38 -11.15
N HIS A 162 9.14 -3.04 -12.43
CA HIS A 162 10.05 -3.49 -13.51
CA HIS A 162 10.04 -3.59 -13.38
C HIS A 162 11.46 -3.10 -13.17
N LYS A 163 11.63 -1.82 -12.91
CA LYS A 163 12.97 -1.33 -12.68
C LYS A 163 13.56 -1.94 -11.38
N LEU A 164 12.72 -2.03 -10.33
CA LEU A 164 13.15 -2.51 -9.02
C LEU A 164 13.62 -3.90 -9.08
N LYS A 165 12.82 -4.81 -9.69
CA LYS A 165 13.13 -6.23 -9.66
C LYS A 165 14.37 -6.50 -10.40
N HIS A 166 14.69 -5.66 -11.38
CA HIS A 166 15.98 -5.82 -12.11
C HIS A 166 17.28 -5.12 -11.57
N LEU A 167 17.24 -4.44 -10.42
CA LEU A 167 18.50 -4.01 -9.79
C LEU A 167 19.35 -5.21 -9.41
N PRO A 168 20.66 -5.04 -9.28
CA PRO A 168 21.53 -6.22 -9.10
C PRO A 168 21.61 -6.73 -7.69
N GLU A 169 21.19 -5.93 -6.74
CA GLU A 169 21.35 -6.30 -5.34
C GLU A 169 20.08 -5.95 -4.58
N LYS A 170 19.71 -6.84 -3.68
CA LYS A 170 18.58 -6.63 -2.80
C LYS A 170 18.74 -5.35 -2.01
N TYR A 171 19.94 -5.05 -1.57
CA TYR A 171 20.06 -3.86 -0.75
C TYR A 171 19.71 -2.61 -1.55
N MET A 172 19.98 -2.61 -2.84
CA MET A 172 19.61 -1.45 -3.68
C MET A 172 18.11 -1.36 -3.81
N MET A 173 17.44 -2.51 -3.93
CA MET A 173 15.97 -2.51 -3.96
C MET A 173 15.44 -1.88 -2.67
N ASN A 174 16.01 -2.26 -1.53
CA ASN A 174 15.55 -1.68 -0.28
C ASN A 174 15.83 -0.19 -0.20
N SER A 175 16.96 0.23 -0.76
CA SER A 175 17.23 1.66 -0.79
C SER A 175 16.18 2.44 -1.61
N VAL A 176 15.84 1.90 -2.77
CA VAL A 176 14.81 2.57 -3.60
C VAL A 176 13.49 2.61 -2.86
N LEU A 177 13.16 1.52 -2.18
CA LEU A 177 11.90 1.42 -1.44
C LEU A 177 11.83 2.27 -0.16
N GLU A 178 13.01 2.70 0.41
CA GLU A 178 13.01 3.53 1.63
C GLU A 178 12.24 4.79 1.47
N ASN A 179 12.18 5.33 0.24
CA ASN A 179 11.47 6.57 -0.03
CA ASN A 179 11.50 6.58 -0.02
C ASN A 179 10.33 6.44 -0.99
N PHE A 180 9.77 5.24 -1.03
CA PHE A 180 8.55 4.91 -1.76
C PHE A 180 7.50 4.55 -0.71
N THR A 181 6.39 5.28 -0.70
CA THR A 181 5.31 4.96 0.26
C THR A 181 3.96 5.10 -0.42
N ILE A 182 2.94 4.53 0.19
CA ILE A 182 1.59 4.66 -0.27
C ILE A 182 0.77 5.14 0.92
N LEU A 183 -0.10 6.10 0.74
CA LEU A 183 -1.02 6.57 1.74
C LEU A 183 -2.43 6.31 1.25
N GLN A 184 -3.17 5.49 1.97
CA GLN A 184 -4.56 5.16 1.63
CA GLN A 184 -4.56 5.23 1.63
C GLN A 184 -5.45 5.90 2.63
N VAL A 185 -6.41 6.66 2.16
CA VAL A 185 -7.37 7.30 3.00
C VAL A 185 -8.75 6.89 2.54
N VAL A 186 -9.50 6.22 3.39
CA VAL A 186 -10.86 5.80 3.07
C VAL A 186 -11.76 6.72 3.84
N THR A 187 -12.64 7.42 3.10
CA THR A 187 -13.55 8.34 3.65
C THR A 187 -15.02 7.93 3.40
N ASN A 188 -15.88 8.40 4.27
CA ASN A 188 -17.29 8.36 4.01
C ASN A 188 -17.58 9.45 2.98
N ARG A 189 -18.19 9.09 1.88
CA ARG A 189 -18.34 10.08 0.80
C ARG A 189 -19.24 11.21 1.23
N ASP A 190 -20.26 10.93 2.05
CA ASP A 190 -21.20 11.93 2.44
C ASP A 190 -20.72 12.90 3.50
N THR A 191 -19.97 12.43 4.49
CA THR A 191 -19.60 13.24 5.62
C THR A 191 -18.12 13.66 5.55
N GLN A 192 -17.35 12.96 4.75
CA GLN A 192 -15.91 13.19 4.65
C GLN A 192 -15.17 12.74 5.90
N GLU A 193 -15.83 11.99 6.76
CA GLU A 193 -15.16 11.32 7.92
C GLU A 193 -14.10 10.37 7.41
N THR A 194 -12.94 10.38 8.05
CA THR A 194 -11.93 9.34 7.89
C THR A 194 -12.31 8.01 8.56
N LEU A 195 -12.56 7.05 7.72
CA LEU A 195 -12.96 5.72 8.10
C LEU A 195 -11.71 4.87 8.40
N LEU A 196 -10.71 4.96 7.57
CA LEU A 196 -9.43 4.28 7.69
C LEU A 196 -8.40 5.15 7.02
N CYS A 197 -7.21 5.23 7.62
CA CYS A 197 -6.06 5.82 7.01
C CYS A 197 -4.89 4.92 7.22
N ILE A 198 -4.29 4.42 6.19
CA ILE A 198 -3.24 3.45 6.25
C ILE A 198 -2.04 4.01 5.52
N ALA A 199 -0.93 4.11 6.26
CA ALA A 199 0.39 4.49 5.73
C ALA A 199 1.18 3.24 5.45
N TYR A 200 1.65 3.00 4.25
CA TYR A 200 2.39 1.82 3.88
C TYR A 200 3.85 2.17 3.60
N VAL A 201 4.72 1.39 4.20
CA VAL A 201 6.15 1.45 3.97
C VAL A 201 6.67 0.08 3.55
N PHE A 202 7.80 0.00 2.87
CA PHE A 202 8.19 -1.15 2.10
C PHE A 202 9.64 -1.53 2.21
N GLU A 203 9.92 -2.84 2.22
CA GLU A 203 11.21 -3.50 1.93
C GLU A 203 10.89 -4.63 1.00
N VAL A 204 11.94 -5.28 0.51
CA VAL A 204 11.79 -6.48 -0.32
CA VAL A 204 11.78 -6.50 -0.31
C VAL A 204 12.03 -7.71 0.52
N SER A 205 11.32 -8.76 0.20
CA SER A 205 11.58 -10.06 0.81
CA SER A 205 11.57 -10.04 0.81
C SER A 205 12.80 -10.64 0.15
N ALA A 206 13.57 -11.37 0.92
CA ALA A 206 14.65 -12.23 0.31
C ALA A 206 14.09 -13.26 -0.71
N SER A 207 14.88 -13.74 -1.65
CA SER A 207 14.40 -14.73 -2.61
C SER A 207 13.79 -15.98 -1.96
N GLU A 208 14.29 -16.35 -0.80
CA GLU A 208 13.79 -17.57 -0.19
C GLU A 208 12.54 -17.38 0.67
N HIS A 209 11.95 -16.17 0.71
CA HIS A 209 10.84 -15.84 1.57
C HIS A 209 9.75 -15.17 0.78
N GLY A 210 8.50 -15.42 1.15
CA GLY A 210 7.39 -14.72 0.56
C GLY A 210 7.07 -13.43 1.21
N ALA A 211 5.96 -12.90 0.80
CA ALA A 211 5.57 -11.62 1.33
C ALA A 211 5.27 -11.70 2.82
N GLN A 212 5.51 -10.59 3.49
CA GLN A 212 5.27 -10.50 4.92
C GLN A 212 4.73 -9.11 5.26
N HIS A 213 4.11 -8.95 6.40
CA HIS A 213 3.67 -7.64 6.84
C HIS A 213 3.62 -7.54 8.35
N HIS A 214 3.73 -6.33 8.81
CA HIS A 214 3.51 -6.03 10.23
CA HIS A 214 3.52 -6.04 10.21
C HIS A 214 2.62 -4.80 10.30
N ILE A 215 1.64 -4.84 11.17
CA ILE A 215 0.62 -3.84 11.32
C ILE A 215 0.82 -3.14 12.66
N TYR A 216 0.75 -1.83 12.62
CA TYR A 216 0.83 -0.98 13.81
C TYR A 216 -0.25 0.05 13.86
N ARG A 217 -0.68 0.48 15.04
CA ARG A 217 -1.45 1.70 15.14
C ARG A 217 -0.54 2.88 15.08
N LEU A 218 -0.95 3.90 14.35
CA LEU A 218 -0.21 5.16 14.29
CA LEU A 218 -0.21 5.18 14.31
C LEU A 218 -0.70 6.07 15.45
N VAL A 219 0.26 6.71 16.13
CA VAL A 219 0.00 7.65 17.20
C VAL A 219 0.85 8.93 16.96
N LYS A 220 0.54 9.96 17.71
CA LYS A 220 1.34 11.16 17.65
C LYS A 220 1.45 11.75 19.00
N GLU A 221 2.58 11.50 19.67
CA GLU A 221 2.80 12.14 20.95
C GLU A 221 2.85 13.69 20.70
N SER B 1 8.80 11.01 -12.12
CA SER B 1 8.96 9.87 -12.97
C SER B 1 9.67 8.82 -12.18
N VAL B 2 9.52 7.57 -12.58
CA VAL B 2 10.22 6.47 -11.89
C VAL B 2 11.78 6.65 -12.00
N GLU B 3 12.27 7.07 -13.16
CA GLU B 3 13.65 7.25 -13.40
C GLU B 3 14.19 8.27 -12.38
N ASP B 4 13.45 9.38 -12.14
CA ASP B 4 13.90 10.39 -11.19
C ASP B 4 13.99 9.85 -9.76
N HIS B 5 13.04 8.99 -9.44
CA HIS B 5 13.08 8.38 -8.11
C HIS B 5 14.31 7.56 -7.93
N PHE B 6 14.60 6.68 -8.89
CA PHE B 6 15.73 5.82 -8.77
C PHE B 6 17.06 6.62 -8.72
N ALA B 7 17.13 7.70 -9.49
CA ALA B 7 18.34 8.48 -9.53
C ALA B 7 18.58 9.19 -8.18
N LYS B 8 17.50 9.61 -7.54
CA LYS B 8 17.59 10.24 -6.21
C LYS B 8 18.00 9.21 -5.16
N ALA B 9 17.42 8.01 -5.23
CA ALA B 9 17.69 7.01 -4.20
C ALA B 9 19.12 6.47 -4.33
N LEU B 10 19.59 6.20 -5.56
CA LEU B 10 20.83 5.44 -5.71
C LEU B 10 22.03 6.25 -6.22
N GLY B 11 21.80 7.53 -6.45
CA GLY B 11 22.92 8.38 -6.73
C GLY B 11 23.69 7.94 -7.95
N ASP B 12 25.02 8.04 -7.92
CA ASP B 12 25.77 7.72 -9.10
C ASP B 12 25.59 6.24 -9.49
N THR B 13 25.26 5.36 -8.54
CA THR B 13 25.07 3.95 -8.88
C THR B 13 23.96 3.77 -9.92
N TRP B 14 22.85 4.47 -9.77
CA TRP B 14 21.82 4.32 -10.79
C TRP B 14 22.22 4.89 -12.10
N LEU B 15 22.98 5.98 -12.08
CA LEU B 15 23.50 6.60 -13.32
C LEU B 15 24.31 5.55 -14.06
N GLN B 16 25.15 4.79 -13.37
CA GLN B 16 25.96 3.75 -14.02
C GLN B 16 25.07 2.60 -14.55
N ILE B 17 24.11 2.16 -13.74
CA ILE B 17 23.29 1.01 -14.14
C ILE B 17 22.46 1.36 -15.37
N LYS B 18 21.88 2.55 -15.36
CA LYS B 18 20.98 2.99 -16.43
C LYS B 18 21.80 3.12 -17.71
N ALA B 19 22.99 3.69 -17.61
CA ALA B 19 23.77 3.96 -18.83
C ALA B 19 24.13 2.65 -19.49
N ALA B 20 24.69 1.74 -18.71
CA ALA B 20 25.21 0.50 -19.26
C ALA B 20 24.27 -0.62 -18.95
#